data_5DB2
#
_entry.id   5DB2
#
_cell.length_a   49.086
_cell.length_b   79.976
_cell.length_c   124.428
_cell.angle_alpha   90.000
_cell.angle_beta   90.000
_cell.angle_gamma   90.000
#
_symmetry.space_group_name_H-M   'P 21 21 21'
#
loop_
_entity.id
_entity.type
_entity.pdbx_description
1 polymer Menin
2 non-polymer '2-{2-cyano-5-[(4-{[6-(2,2,2-trifluoroethyl)thieno[2,3-d]pyrimidin-4-yl]amino}piperidin-1-yl)methyl]-1H-indol-1-yl}aceta mide'
3 non-polymer 'DIMETHYL SULFOXIDE'
4 non-polymer 'TETRAETHYLENE GLYCOL'
5 non-polymer 'SULFATE ION'
6 non-polymer DI(HYDROXYETHYL)ETHER
7 water water
#
_entity_poly.entity_id   1
_entity_poly.type   'polypeptide(L)'
_entity_poly.pdbx_seq_one_letter_code
;GGSSSMGLKAAQKTLFPLRSIDDVVRLFAAELGREEPDLVLLSLVLGFVEHFLAVNRVGLTYFPVADLSIIAALYARFTA
QIRGAVDLSLYPREGGVSSRELVKKVSDVIWNSLSRSYFKDRAHIQSLFSFITGTKLDSSGVAFAVVGACQALGLRDVHL
ALSEDHAWVVFGPNGEQTAEVTWHGKGNEDRRGQTVNAGVAERSWLYLKGSYMRCDRKMEVAFMVCAINPSIDLHTDSLE
LLQLQQKLLWLLYDLGHLERYPMALGNLADLEELEPTPGRPDPLTLYHKGIASAKTYYRDEHIYPYMYLAGYHCRNRNVR
EALQAWADTATVIQDYNYCREDEEIYKEFFEVANDVIPNLLKEAASLLEAGSQGSALQDPECFAHLLRFYDGICKWEEGS
PTPVLHVGWATFLVQSLGRFEGQVRQKVRIVSVPAPAASPPPEGPVLTFQSEKMKGMKELLVATKINSSAIKLQLTAQSQ
VQMKKQKVS
;
_entity_poly.pdbx_strand_id   A
#
loop_
_chem_comp.id
_chem_comp.type
_chem_comp.name
_chem_comp.formula
58R non-polymer '2-{2-cyano-5-[(4-{[6-(2,2,2-trifluoroethyl)thieno[2,3-d]pyrimidin-4-yl]amino}piperidin-1-yl)methyl]-1H-indol-1-yl}aceta mide' 'C25 H24 F3 N7 O S'
DMS non-polymer 'DIMETHYL SULFOXIDE' 'C2 H6 O S'
PEG non-polymer DI(HYDROXYETHYL)ETHER 'C4 H10 O3'
PG4 non-polymer 'TETRAETHYLENE GLYCOL' 'C8 H18 O5'
SO4 non-polymer 'SULFATE ION' 'O4 S -2'
#
# COMPACT_ATOMS: atom_id res chain seq x y z
N GLY A 7 27.95 4.67 -13.04
CA GLY A 7 29.36 4.54 -13.48
C GLY A 7 30.10 3.43 -12.77
N LEU A 8 30.41 3.59 -11.47
CA LEU A 8 30.14 4.82 -10.66
C LEU A 8 31.01 5.96 -11.11
N LYS A 9 30.45 7.15 -11.13
CA LYS A 9 31.16 8.30 -11.60
C LYS A 9 31.85 8.97 -10.43
N ALA A 10 32.94 9.66 -10.72
CA ALA A 10 33.72 10.33 -9.70
C ALA A 10 32.86 11.12 -8.72
N ALA A 11 31.89 11.86 -9.26
CA ALA A 11 31.04 12.72 -8.45
C ALA A 11 30.10 11.96 -7.51
N GLN A 12 29.79 10.73 -7.84
CA GLN A 12 28.99 9.90 -6.95
C GLN A 12 29.74 9.39 -5.74
N LYS A 13 31.08 9.47 -5.77
CA LYS A 13 31.89 8.80 -4.77
C LYS A 13 32.38 9.74 -3.68
N THR A 14 32.24 11.06 -3.86
CA THR A 14 32.90 12.00 -2.98
C THR A 14 32.35 12.08 -1.57
N LEU A 15 31.10 11.63 -1.33
CA LEU A 15 30.55 11.66 0.05
C LEU A 15 30.94 10.47 0.91
N PHE A 16 31.48 9.44 0.26
CA PHE A 16 31.95 8.30 1.03
C PHE A 16 33.20 8.61 1.85
N PRO A 17 33.33 7.99 3.02
CA PRO A 17 32.43 6.99 3.60
C PRO A 17 31.19 7.63 4.23
N LEU A 18 30.07 6.90 4.24
CA LEU A 18 28.87 7.40 4.92
C LEU A 18 28.94 6.95 6.35
N ARG A 19 29.00 7.91 7.30
CA ARG A 19 29.23 7.57 8.72
C ARG A 19 28.05 7.79 9.60
N SER A 20 26.92 8.21 9.02
CA SER A 20 25.75 8.60 9.81
C SER A 20 24.52 8.62 8.92
N ILE A 21 23.39 8.63 9.60
CA ILE A 21 22.07 8.85 8.96
C ILE A 21 22.14 10.08 8.08
N ASP A 22 22.65 11.19 8.61
CA ASP A 22 22.67 12.38 7.84
C ASP A 22 23.60 12.27 6.60
N ASP A 23 24.69 11.49 6.66
CA ASP A 23 25.53 11.26 5.47
C ASP A 23 24.74 10.49 4.39
N VAL A 24 23.93 9.51 4.81
CA VAL A 24 23.05 8.82 3.84
C VAL A 24 22.10 9.83 3.17
N VAL A 25 21.47 10.67 4.00
CA VAL A 25 20.57 11.73 3.47
C VAL A 25 21.29 12.59 2.49
N ARG A 26 22.53 12.99 2.77
CA ARG A 26 23.29 13.81 1.82
C ARG A 26 23.47 13.08 0.49
N LEU A 27 23.77 11.77 0.54
CA LEU A 27 23.89 11.01 -0.67
C LEU A 27 22.61 11.02 -1.49
N PHE A 28 21.49 10.80 -0.82
CA PHE A 28 20.22 10.85 -1.51
C PHE A 28 19.98 12.23 -2.14
N ALA A 29 20.29 13.27 -1.41
CA ALA A 29 20.11 14.62 -1.91
C ALA A 29 20.97 14.86 -3.13
N ALA A 30 22.23 14.41 -3.13
CA ALA A 30 23.08 14.57 -4.25
C ALA A 30 22.57 13.83 -5.45
N GLU A 31 22.16 12.59 -5.23
CA GLU A 31 21.61 11.78 -6.34
C GLU A 31 20.32 12.34 -6.93
N LEU A 32 19.47 12.85 -6.07
CA LEU A 32 18.21 13.40 -6.54
C LEU A 32 18.44 14.69 -7.33
N GLY A 33 19.58 15.34 -7.13
CA GLY A 33 19.96 16.55 -7.88
C GLY A 33 20.61 16.25 -9.21
N ARG A 34 20.95 15.00 -9.46
CA ARG A 34 21.53 14.60 -10.75
C ARG A 34 20.44 14.40 -11.76
N GLU A 35 20.79 14.26 -13.03
CA GLU A 35 19.76 14.04 -14.06
C GLU A 35 18.93 12.77 -13.80
N GLU A 36 19.65 11.68 -13.55
CA GLU A 36 19.10 10.33 -13.31
C GLU A 36 19.68 9.82 -11.94
N PRO A 37 18.90 9.89 -10.82
CA PRO A 37 19.45 9.29 -9.60
C PRO A 37 19.73 7.83 -9.84
N ASP A 38 20.80 7.35 -9.19
CA ASP A 38 21.31 6.02 -9.46
C ASP A 38 20.64 5.03 -8.53
N LEU A 39 19.60 4.36 -9.07
CA LEU A 39 18.82 3.43 -8.29
C LEU A 39 19.64 2.30 -7.65
N VAL A 40 20.58 1.77 -8.42
CA VAL A 40 21.42 0.65 -7.97
C VAL A 40 22.27 1.10 -6.76
N LEU A 41 22.96 2.23 -6.90
CA LEU A 41 23.76 2.77 -5.81
C LEU A 41 22.87 2.95 -4.58
N LEU A 42 21.72 3.59 -4.74
CA LEU A 42 20.91 3.97 -3.58
C LEU A 42 20.30 2.78 -2.84
N SER A 43 19.84 1.79 -3.62
CA SER A 43 19.32 0.59 -3.05
C SER A 43 20.37 -0.26 -2.33
N LEU A 44 21.57 -0.32 -2.91
CA LEU A 44 22.65 -1.03 -2.24
C LEU A 44 23.00 -0.36 -0.90
N VAL A 45 23.06 0.98 -0.90
CA VAL A 45 23.36 1.71 0.35
C VAL A 45 22.27 1.44 1.39
N LEU A 46 20.99 1.56 1.00
CA LEU A 46 19.93 1.33 1.97
C LEU A 46 19.96 -0.10 2.49
N GLY A 47 20.15 -1.07 1.64
CA GLY A 47 20.15 -2.46 2.07
C GLY A 47 21.33 -2.81 2.94
N PHE A 48 22.47 -2.18 2.67
CA PHE A 48 23.65 -2.31 3.51
C PHE A 48 23.32 -1.78 4.89
N VAL A 49 22.86 -0.55 4.97
CA VAL A 49 22.61 0.01 6.31
C VAL A 49 21.48 -0.74 7.01
N GLU A 50 20.43 -1.12 6.31
CA GLU A 50 19.39 -1.93 6.89
C GLU A 50 19.90 -3.26 7.42
N HIS A 51 20.77 -3.93 6.66
CA HIS A 51 21.32 -5.18 7.10
C HIS A 51 21.98 -5.03 8.50
N PHE A 52 22.81 -3.99 8.62
CA PHE A 52 23.61 -3.79 9.83
C PHE A 52 22.91 -3.05 10.92
N LEU A 53 21.69 -2.58 10.67
CA LEU A 53 20.87 -1.98 11.73
C LEU A 53 19.67 -2.79 12.15
N ALA A 54 19.22 -3.72 11.31
CA ALA A 54 18.05 -4.53 11.58
C ALA A 54 18.32 -6.02 11.51
N VAL A 55 19.14 -6.50 10.60
CA VAL A 55 19.31 -7.95 10.44
C VAL A 55 20.39 -8.45 11.40
N ASN A 56 21.52 -7.76 11.43
CA ASN A 56 22.64 -8.13 12.31
C ASN A 56 23.31 -6.90 12.91
N ARG A 57 22.93 -6.58 14.16
CA ARG A 57 23.48 -5.46 14.91
C ARG A 57 24.69 -5.81 15.78
N VAL A 58 25.23 -7.01 15.62
CA VAL A 58 26.48 -7.31 16.33
C VAL A 58 27.58 -6.34 16.02
N GLY A 59 28.12 -5.76 17.09
CA GLY A 59 29.20 -4.84 16.94
C GLY A 59 28.79 -3.39 16.77
N LEU A 60 27.52 -3.18 16.59
CA LEU A 60 27.05 -1.81 16.31
C LEU A 60 27.40 -0.86 17.47
N THR A 61 28.03 0.29 17.17
CA THR A 61 28.28 1.27 18.20
C THR A 61 27.60 2.61 17.92
N TYR A 62 27.25 2.91 16.67
CA TYR A 62 26.49 4.15 16.37
C TYR A 62 25.80 3.98 15.00
N PHE A 63 26.61 3.74 13.98
CA PHE A 63 26.09 3.65 12.62
C PHE A 63 27.01 2.77 11.83
N PRO A 64 26.47 1.87 10.98
CA PRO A 64 27.36 1.06 10.16
C PRO A 64 27.99 1.81 9.04
N VAL A 65 29.25 2.16 9.19
CA VAL A 65 29.93 2.97 8.19
C VAL A 65 29.96 2.26 6.84
N ALA A 66 29.51 2.97 5.82
CA ALA A 66 29.50 2.44 4.45
C ALA A 66 30.70 3.02 3.74
N ASP A 67 31.71 2.17 3.60
CA ASP A 67 32.94 2.54 2.92
C ASP A 67 32.74 2.42 1.41
N LEU A 68 33.37 3.32 0.65
CA LEU A 68 33.28 3.26 -0.82
C LEU A 68 33.76 1.93 -1.37
N SER A 69 34.86 1.39 -0.84
CA SER A 69 35.34 0.11 -1.38
C SER A 69 34.27 -0.98 -1.31
N ILE A 70 33.53 -1.04 -0.20
CA ILE A 70 32.52 -2.06 0.04
C ILE A 70 31.33 -1.84 -0.90
N ILE A 71 30.85 -0.59 -0.95
CA ILE A 71 29.70 -0.33 -1.77
C ILE A 71 30.02 -0.46 -3.25
N ALA A 72 31.18 0.04 -3.66
CA ALA A 72 31.61 -0.10 -5.05
C ALA A 72 31.75 -1.54 -5.45
N ALA A 73 32.15 -2.41 -4.51
CA ALA A 73 32.33 -3.82 -4.91
C ALA A 73 30.96 -4.48 -5.09
N LEU A 74 30.00 -4.15 -4.23
CA LEU A 74 28.61 -4.63 -4.40
C LEU A 74 28.05 -4.14 -5.73
N TYR A 75 28.30 -2.88 -6.05
CA TYR A 75 27.78 -2.27 -7.28
C TYR A 75 28.35 -2.95 -8.47
N ALA A 76 29.65 -3.23 -8.43
CA ALA A 76 30.32 -3.99 -9.50
C ALA A 76 29.76 -5.39 -9.64
N ARG A 77 29.42 -6.08 -8.55
CA ARG A 77 28.85 -7.42 -8.67
C ARG A 77 27.52 -7.31 -9.43
N PHE A 78 26.68 -6.31 -9.10
CA PHE A 78 25.44 -6.14 -9.82
C PHE A 78 25.62 -5.82 -11.30
N THR A 79 26.43 -4.84 -11.59
CA THR A 79 26.54 -4.44 -13.00
C THR A 79 27.20 -5.55 -13.78
N ALA A 80 28.16 -6.28 -13.18
CA ALA A 80 28.79 -7.39 -13.93
C ALA A 80 27.76 -8.51 -14.23
N GLN A 81 26.87 -8.79 -13.28
CA GLN A 81 25.87 -9.84 -13.45
C GLN A 81 24.93 -9.43 -14.59
N ILE A 82 24.53 -8.15 -14.64
CA ILE A 82 23.51 -7.74 -15.64
C ILE A 82 24.16 -7.61 -17.02
N ARG A 83 25.31 -6.93 -17.08
CA ARG A 83 25.98 -6.72 -18.37
C ARG A 83 26.47 -8.02 -18.98
N GLY A 84 26.87 -8.97 -18.16
CA GLY A 84 27.34 -10.27 -18.70
C GLY A 84 26.18 -11.04 -19.30
N ALA A 85 24.98 -10.88 -18.70
CA ALA A 85 23.85 -11.73 -19.06
C ALA A 85 22.94 -11.14 -20.11
N VAL A 86 22.92 -9.83 -20.23
CA VAL A 86 22.05 -9.16 -21.20
C VAL A 86 22.91 -8.50 -22.28
N ASP A 87 22.92 -9.08 -23.46
CA ASP A 87 23.60 -8.55 -24.61
C ASP A 87 22.66 -7.64 -25.38
N LEU A 88 22.82 -6.34 -25.21
CA LEU A 88 21.96 -5.39 -25.84
C LEU A 88 21.95 -5.40 -27.37
N SER A 89 23.02 -5.93 -28.00
CA SER A 89 23.07 -6.04 -29.46
C SER A 89 22.05 -7.00 -30.04
N LEU A 90 21.51 -7.92 -29.23
CA LEU A 90 20.51 -8.84 -29.66
C LEU A 90 19.10 -8.21 -29.65
N TYR A 91 18.96 -7.04 -29.04
CA TYR A 91 17.68 -6.31 -28.85
C TYR A 91 17.80 -4.86 -29.33
N PRO A 92 17.90 -4.66 -30.64
CA PRO A 92 18.20 -3.30 -31.11
C PRO A 92 17.12 -2.27 -30.70
N ARG A 93 17.52 -1.14 -30.14
CA ARG A 93 16.54 -0.12 -29.69
C ARG A 93 16.12 0.88 -30.77
N GLU A 94 14.90 0.72 -31.28
CA GLU A 94 14.29 1.68 -32.18
C GLU A 94 13.69 2.80 -31.33
N GLY A 95 14.14 4.04 -31.57
CA GLY A 95 13.47 5.23 -31.02
C GLY A 95 13.96 5.71 -29.67
N GLY A 96 15.09 5.18 -29.23
CA GLY A 96 15.54 5.36 -27.87
C GLY A 96 14.61 4.70 -26.86
N VAL A 97 13.84 3.71 -27.31
CA VAL A 97 12.97 2.93 -26.43
C VAL A 97 13.16 1.41 -26.54
N SER A 98 12.77 0.71 -25.47
CA SER A 98 13.03 -0.68 -25.26
C SER A 98 11.91 -1.54 -25.84
N SER A 99 12.23 -2.78 -26.09
CA SER A 99 11.30 -3.76 -26.61
C SER A 99 10.82 -4.68 -25.53
N ARG A 100 9.69 -5.32 -25.79
CA ARG A 100 9.17 -6.26 -24.83
C ARG A 100 10.14 -7.42 -24.57
N GLU A 101 10.82 -7.88 -25.62
CA GLU A 101 11.78 -8.99 -25.51
C GLU A 101 12.94 -8.64 -24.58
N LEU A 102 13.40 -7.40 -24.65
CA LEU A 102 14.50 -6.94 -23.80
C LEU A 102 14.05 -6.86 -22.37
N VAL A 103 12.85 -6.33 -22.14
CA VAL A 103 12.33 -6.26 -20.77
C VAL A 103 12.18 -7.65 -20.19
N LYS A 104 11.64 -8.57 -20.97
CA LYS A 104 11.46 -9.96 -20.52
C LYS A 104 12.82 -10.61 -20.22
N LYS A 105 13.83 -10.30 -21.02
CA LYS A 105 15.17 -10.85 -20.77
C LYS A 105 15.71 -10.35 -19.46
N VAL A 106 15.56 -9.08 -19.19
CA VAL A 106 16.06 -8.57 -17.91
C VAL A 106 15.30 -9.22 -16.74
N SER A 107 13.97 -9.33 -16.87
CA SER A 107 13.20 -10.00 -15.87
C SER A 107 13.64 -11.47 -15.65
N ASP A 108 13.91 -12.18 -16.75
CA ASP A 108 14.46 -13.52 -16.63
C ASP A 108 15.81 -13.58 -15.91
N VAL A 109 16.69 -12.62 -16.21
CA VAL A 109 18.02 -12.62 -15.59
C VAL A 109 17.86 -12.46 -14.09
N ILE A 110 17.02 -11.55 -13.63
CA ILE A 110 16.83 -11.37 -12.18
C ILE A 110 16.20 -12.61 -11.55
N TRP A 111 15.11 -13.05 -12.18
CA TRP A 111 14.38 -14.20 -11.66
C TRP A 111 15.25 -15.45 -11.55
N ASN A 112 15.98 -15.75 -12.60
CA ASN A 112 16.84 -16.93 -12.62
C ASN A 112 17.99 -16.88 -11.62
N SER A 113 18.35 -15.70 -11.15
CA SER A 113 19.41 -15.54 -10.16
C SER A 113 18.98 -15.86 -8.75
N LEU A 114 17.69 -15.95 -8.49
CA LEU A 114 17.18 -16.08 -7.13
C LEU A 114 17.34 -17.51 -6.59
N SER A 115 17.63 -17.61 -5.30
CA SER A 115 17.62 -18.90 -4.58
C SER A 115 16.37 -19.66 -4.87
N ARG A 116 16.54 -20.97 -4.97
CA ARG A 116 15.50 -21.89 -5.42
C ARG A 116 14.35 -21.95 -4.44
N SER A 117 14.64 -21.82 -3.16
CA SER A 117 13.63 -22.06 -2.15
C SER A 117 13.91 -21.10 -1.02
N TYR A 118 12.94 -20.23 -0.76
CA TYR A 118 12.99 -19.38 0.41
C TYR A 118 11.62 -18.83 0.73
N PHE A 119 11.49 -18.27 1.93
CA PHE A 119 10.21 -17.65 2.35
C PHE A 119 10.14 -16.26 1.72
N LYS A 120 9.14 -16.04 0.85
CA LYS A 120 9.06 -14.79 0.06
C LYS A 120 8.53 -13.62 0.85
N ASP A 121 7.91 -13.90 1.98
CA ASP A 121 7.21 -12.91 2.82
C ASP A 121 8.12 -12.47 3.97
N ARG A 122 9.41 -12.78 3.91
CA ARG A 122 10.27 -12.35 5.02
C ARG A 122 10.83 -10.95 4.81
N ALA A 123 11.10 -10.32 5.95
CA ALA A 123 11.58 -8.98 6.00
C ALA A 123 13.00 -8.89 5.44
N HIS A 124 13.35 -7.70 4.99
CA HIS A 124 14.69 -7.36 4.59
C HIS A 124 15.19 -8.07 3.37
N ILE A 125 14.29 -8.42 2.47
CA ILE A 125 14.68 -9.05 1.18
C ILE A 125 14.24 -8.20 0.00
N GLN A 126 14.09 -6.90 0.25
CA GLN A 126 13.57 -5.94 -0.76
C GLN A 126 14.59 -5.26 -1.62
N SER A 127 15.85 -5.16 -1.16
CA SER A 127 16.87 -4.28 -1.75
C SER A 127 17.85 -5.06 -2.61
N LEU A 128 18.64 -4.36 -3.41
CA LEU A 128 19.67 -5.02 -4.18
C LEU A 128 20.76 -5.59 -3.27
N PHE A 129 20.89 -5.08 -2.04
CA PHE A 129 21.84 -5.72 -1.14
C PHE A 129 21.40 -7.16 -0.88
N SER A 130 20.11 -7.43 -0.70
CA SER A 130 19.60 -8.78 -0.47
C SER A 130 19.82 -9.63 -1.74
N PHE A 131 19.57 -9.04 -2.91
CA PHE A 131 19.74 -9.72 -4.16
C PHE A 131 21.17 -10.18 -4.35
N ILE A 132 22.13 -9.28 -4.09
CA ILE A 132 23.56 -9.65 -4.30
C ILE A 132 24.08 -10.61 -3.20
N THR A 133 23.77 -10.33 -1.95
CA THR A 133 24.39 -11.09 -0.85
C THR A 133 23.65 -12.33 -0.47
N GLY A 134 22.36 -12.38 -0.72
CA GLY A 134 21.49 -13.53 -0.33
C GLY A 134 20.76 -14.17 -1.46
N THR A 135 20.90 -13.64 -2.68
CA THR A 135 20.14 -14.10 -3.83
C THR A 135 18.66 -14.30 -3.47
N LYS A 136 18.10 -13.32 -2.74
CA LYS A 136 16.71 -13.30 -2.35
C LYS A 136 16.07 -11.96 -2.58
N LEU A 137 14.90 -11.96 -3.20
CA LEU A 137 14.04 -10.78 -3.32
C LEU A 137 12.60 -11.14 -3.07
N ASP A 138 11.87 -10.19 -2.50
CA ASP A 138 10.43 -10.26 -2.46
C ASP A 138 9.81 -9.87 -3.79
N SER A 139 8.49 -10.03 -3.91
CA SER A 139 7.84 -9.81 -5.18
C SER A 139 8.11 -8.46 -5.81
N SER A 140 7.80 -7.38 -5.09
CA SER A 140 8.05 -6.06 -5.67
C SER A 140 9.51 -5.73 -5.75
N GLY A 141 10.31 -6.38 -4.92
CA GLY A 141 11.75 -6.26 -5.02
C GLY A 141 12.27 -6.74 -6.39
N VAL A 142 11.67 -7.77 -6.93
CA VAL A 142 12.10 -8.22 -8.27
C VAL A 142 11.77 -7.12 -9.30
N ALA A 143 10.57 -6.55 -9.21
CA ALA A 143 10.24 -5.46 -10.13
C ALA A 143 11.19 -4.28 -10.02
N PHE A 144 11.53 -3.86 -8.81
CA PHE A 144 12.49 -2.80 -8.62
C PHE A 144 13.85 -3.15 -9.23
N ALA A 145 14.28 -4.37 -8.99
CA ALA A 145 15.54 -4.82 -9.52
C ALA A 145 15.61 -4.82 -11.05
N VAL A 146 14.51 -5.20 -11.68
CA VAL A 146 14.44 -5.12 -13.12
C VAL A 146 14.60 -3.67 -13.57
N VAL A 147 13.93 -2.74 -12.90
CA VAL A 147 14.07 -1.32 -13.25
C VAL A 147 15.49 -0.79 -12.99
N GLY A 148 16.08 -1.16 -11.89
CA GLY A 148 17.51 -0.81 -11.62
C GLY A 148 18.46 -1.38 -12.65
N ALA A 149 18.24 -2.62 -13.03
CA ALA A 149 19.07 -3.29 -14.06
C ALA A 149 18.91 -2.54 -15.40
N CYS A 150 17.66 -2.18 -15.76
CA CYS A 150 17.44 -1.47 -17.04
C CYS A 150 18.08 -0.11 -17.01
N GLN A 151 18.05 0.58 -15.87
CA GLN A 151 18.78 1.86 -15.80
C GLN A 151 20.25 1.65 -15.97
N ALA A 152 20.78 0.62 -15.35
CA ALA A 152 22.22 0.35 -15.43
C ALA A 152 22.62 0.10 -16.89
N LEU A 153 21.71 -0.50 -17.65
CA LEU A 153 21.93 -0.81 -19.08
C LEU A 153 21.68 0.38 -19.97
N GLY A 154 21.21 1.51 -19.45
CA GLY A 154 20.96 2.69 -20.29
C GLY A 154 19.57 2.76 -20.87
N LEU A 155 18.63 2.01 -20.31
CA LEU A 155 17.27 1.93 -20.86
C LEU A 155 16.38 2.91 -20.11
N ARG A 156 16.42 4.15 -20.55
CA ARG A 156 15.86 5.26 -19.81
C ARG A 156 14.34 5.19 -19.77
N ASP A 157 13.73 4.41 -20.67
CA ASP A 157 12.27 4.39 -20.77
C ASP A 157 11.60 3.39 -19.84
N VAL A 158 12.35 2.51 -19.22
CA VAL A 158 11.75 1.44 -18.38
C VAL A 158 11.54 2.02 -16.97
N HIS A 159 10.31 1.99 -16.50
CA HIS A 159 9.97 2.57 -15.21
C HIS A 159 9.06 1.64 -14.44
N LEU A 160 9.12 1.81 -13.14
CA LEU A 160 8.31 1.01 -12.23
C LEU A 160 6.83 1.49 -12.23
N ALA A 161 5.95 0.50 -12.32
CA ALA A 161 4.50 0.72 -12.20
C ALA A 161 4.05 0.03 -10.89
N LEU A 162 3.20 0.74 -10.13
CA LEU A 162 2.78 0.28 -8.84
C LEU A 162 1.29 0.39 -8.64
N SER A 163 0.68 -0.71 -8.22
CA SER A 163 -0.64 -0.60 -7.66
C SER A 163 -0.56 -0.65 -6.14
N GLU A 164 -1.71 -0.86 -5.47
CA GLU A 164 -1.72 -0.99 -4.03
C GLU A 164 -1.30 -2.36 -3.52
N ASP A 165 -1.16 -3.34 -4.43
CA ASP A 165 -0.70 -4.69 -4.04
C ASP A 165 0.18 -5.38 -5.05
N HIS A 166 0.67 -4.67 -6.04
CA HIS A 166 1.49 -5.27 -7.08
C HIS A 166 2.39 -4.23 -7.74
N ALA A 167 3.38 -4.74 -8.49
CA ALA A 167 4.35 -3.95 -9.18
C ALA A 167 4.70 -4.62 -10.54
N TRP A 168 4.91 -3.80 -11.53
CA TRP A 168 5.31 -4.24 -12.88
C TRP A 168 6.01 -3.06 -13.52
N VAL A 169 6.37 -3.16 -14.81
CA VAL A 169 6.99 -2.03 -15.49
C VAL A 169 6.24 -1.44 -16.67
N VAL A 170 6.49 -0.18 -16.93
CA VAL A 170 6.05 0.48 -18.14
C VAL A 170 7.30 0.77 -18.97
N PHE A 171 7.14 0.87 -20.29
CA PHE A 171 8.27 1.06 -21.17
C PHE A 171 7.75 1.38 -22.56
N GLY A 172 8.69 1.59 -23.48
CA GLY A 172 8.38 1.58 -24.90
C GLY A 172 7.96 2.98 -25.37
N PRO A 173 7.35 3.03 -26.57
CA PRO A 173 6.95 4.30 -27.12
C PRO A 173 6.01 5.05 -26.24
N ASN A 174 6.38 6.29 -25.91
CA ASN A 174 5.59 7.11 -24.99
C ASN A 174 5.41 6.52 -23.60
N GLY A 175 6.20 5.51 -23.23
CA GLY A 175 6.01 4.77 -21.99
C GLY A 175 4.66 4.11 -21.88
N GLU A 176 4.08 3.78 -23.02
CA GLU A 176 2.73 3.26 -23.06
C GLU A 176 2.57 1.76 -22.93
N GLN A 177 3.62 0.98 -23.05
CA GLN A 177 3.56 -0.43 -22.88
C GLN A 177 3.65 -0.83 -21.41
N THR A 178 2.96 -1.91 -21.07
CA THR A 178 3.13 -2.54 -19.75
C THR A 178 3.68 -3.96 -19.88
N ALA A 179 4.48 -4.38 -18.92
CA ALA A 179 4.92 -5.75 -18.83
C ALA A 179 5.01 -6.19 -17.37
N GLU A 180 4.44 -7.35 -17.12
CA GLU A 180 4.67 -8.11 -15.88
C GLU A 180 6.10 -8.55 -15.84
N VAL A 181 6.72 -8.37 -14.68
CA VAL A 181 8.13 -8.83 -14.50
C VAL A 181 8.32 -9.67 -13.27
N THR A 182 7.34 -9.70 -12.34
CA THR A 182 7.44 -10.49 -11.16
C THR A 182 6.15 -11.29 -10.93
N TRP A 183 6.09 -12.03 -9.82
CA TRP A 183 4.95 -12.80 -9.41
C TRP A 183 4.02 -11.95 -8.58
N HIS A 184 2.79 -12.45 -8.44
CA HIS A 184 1.87 -11.85 -7.51
C HIS A 184 1.28 -12.90 -6.62
N GLY A 185 1.32 -12.68 -5.32
CA GLY A 185 0.68 -13.56 -4.36
C GLY A 185 1.32 -14.90 -4.29
N LYS A 186 0.53 -15.90 -3.93
CA LYS A 186 1.01 -17.25 -3.62
C LYS A 186 0.12 -18.15 -4.43
N GLY A 187 0.72 -19.01 -5.24
CA GLY A 187 -0.06 -19.98 -6.01
C GLY A 187 -0.96 -19.37 -7.07
N ASN A 188 -0.57 -18.19 -7.56
CA ASN A 188 -1.10 -17.67 -8.83
C ASN A 188 -0.10 -18.01 -9.93
N GLU A 189 -0.58 -18.22 -11.17
CA GLU A 189 0.30 -18.54 -12.29
C GLU A 189 0.95 -17.24 -12.77
N ASP A 190 2.27 -17.26 -12.98
CA ASP A 190 3.03 -16.06 -13.37
C ASP A 190 2.68 -15.67 -14.82
N ARG A 191 2.66 -14.35 -15.07
CA ARG A 191 2.23 -13.80 -16.34
C ARG A 191 3.36 -12.90 -16.84
N ARG A 192 4.57 -13.22 -16.44
CA ARG A 192 5.72 -12.40 -16.77
C ARG A 192 5.81 -12.26 -18.29
N GLY A 193 6.00 -11.03 -18.73
CA GLY A 193 6.08 -10.75 -20.15
C GLY A 193 4.81 -10.20 -20.73
N GLN A 194 3.70 -10.41 -20.06
CA GLN A 194 2.39 -10.02 -20.59
C GLN A 194 2.07 -8.61 -20.18
N THR A 195 1.12 -8.02 -20.87
CA THR A 195 0.55 -6.73 -20.42
C THR A 195 -0.33 -6.89 -19.19
N VAL A 196 -0.77 -5.75 -18.67
CA VAL A 196 -1.75 -5.73 -17.61
C VAL A 196 -3.15 -5.39 -18.07
N ASN A 197 -3.35 -5.41 -19.38
CA ASN A 197 -4.68 -5.04 -19.92
C ASN A 197 -5.88 -5.83 -19.52
N ALA A 198 -5.76 -7.13 -19.37
CA ALA A 198 -6.87 -7.94 -18.93
C ALA A 198 -7.28 -7.52 -17.55
N GLY A 199 -6.28 -7.28 -16.68
CA GLY A 199 -6.64 -6.88 -15.30
C GLY A 199 -7.26 -5.50 -15.23
N VAL A 200 -6.80 -4.55 -16.05
CA VAL A 200 -7.40 -3.25 -16.10
C VAL A 200 -8.84 -3.39 -16.64
N ALA A 201 -9.00 -4.16 -17.69
CA ALA A 201 -10.32 -4.33 -18.30
C ALA A 201 -11.33 -4.99 -17.37
N GLU A 202 -10.90 -5.87 -16.48
CA GLU A 202 -11.87 -6.50 -15.60
C GLU A 202 -12.19 -5.67 -14.37
N ARG A 203 -11.62 -4.49 -14.26
CA ARG A 203 -11.90 -3.57 -13.18
C ARG A 203 -11.61 -4.16 -11.80
N SER A 204 -10.55 -4.96 -11.70
CA SER A 204 -10.05 -5.45 -10.44
C SER A 204 -9.36 -4.36 -9.64
N TRP A 205 -9.33 -4.51 -8.31
CA TRP A 205 -8.56 -3.60 -7.49
C TRP A 205 -7.08 -3.72 -7.78
N LEU A 206 -6.63 -4.94 -8.12
CA LEU A 206 -5.18 -5.14 -8.29
C LEU A 206 -4.56 -4.19 -9.32
N TYR A 207 -5.32 -3.86 -10.36
CA TYR A 207 -4.83 -2.97 -11.40
C TYR A 207 -5.46 -1.58 -11.42
N LEU A 208 -6.27 -1.28 -10.40
CA LEU A 208 -6.81 0.02 -10.07
C LEU A 208 -7.50 0.67 -11.26
N LYS A 209 -8.18 -0.13 -12.09
CA LYS A 209 -8.86 0.40 -13.28
C LYS A 209 -7.92 1.26 -14.20
N GLY A 210 -6.62 1.01 -14.13
CA GLY A 210 -5.62 1.78 -14.88
C GLY A 210 -5.09 3.00 -14.15
N SER A 211 -5.62 3.33 -12.98
CA SER A 211 -5.17 4.48 -12.19
C SER A 211 -4.08 4.08 -11.20
N TYR A 212 -3.14 3.28 -11.70
CA TYR A 212 -1.93 2.89 -10.98
C TYR A 212 -0.84 3.95 -11.13
N MET A 213 0.20 3.85 -10.34
CA MET A 213 1.31 4.77 -10.38
C MET A 213 2.28 4.39 -11.48
N ARG A 214 2.61 5.39 -12.31
CA ARG A 214 3.64 5.24 -13.37
C ARG A 214 4.80 6.09 -12.87
N CYS A 215 5.79 5.45 -12.28
CA CYS A 215 6.88 6.18 -11.64
C CYS A 215 7.83 6.85 -12.62
N ASP A 216 8.29 8.05 -12.28
CA ASP A 216 9.56 8.54 -12.83
C ASP A 216 10.72 8.09 -11.93
N ARG A 217 11.95 8.51 -12.24
CA ARG A 217 13.08 8.06 -11.43
C ARG A 217 13.02 8.48 -10.00
N LYS A 218 12.49 9.68 -9.76
CA LYS A 218 12.38 10.23 -8.42
C LYS A 218 11.36 9.46 -7.56
N MET A 219 10.25 9.05 -8.19
CA MET A 219 9.25 8.21 -7.53
C MET A 219 9.81 6.81 -7.24
N GLU A 220 10.71 6.32 -8.09
CA GLU A 220 11.37 5.04 -7.83
C GLU A 220 12.28 5.14 -6.61
N VAL A 221 12.93 6.28 -6.46
CA VAL A 221 13.60 6.53 -5.18
C VAL A 221 12.64 6.54 -4.00
N ALA A 222 11.52 7.21 -4.14
CA ALA A 222 10.53 7.23 -3.08
C ALA A 222 10.08 5.81 -2.73
N PHE A 223 9.92 4.96 -3.74
CA PHE A 223 9.50 3.57 -3.53
C PHE A 223 10.53 2.85 -2.66
N MET A 224 11.82 2.97 -2.97
CA MET A 224 12.84 2.25 -2.16
C MET A 224 12.90 2.77 -0.75
N VAL A 225 12.60 4.05 -0.57
CA VAL A 225 12.53 4.63 0.79
C VAL A 225 11.34 4.10 1.57
N CYS A 226 10.18 4.03 0.93
CA CYS A 226 9.02 3.42 1.56
C CYS A 226 9.34 1.95 1.88
N ALA A 227 10.11 1.30 1.01
CA ALA A 227 10.46 -0.07 1.19
C ALA A 227 11.44 -0.36 2.31
N ILE A 228 12.10 0.65 2.88
CA ILE A 228 12.90 0.42 4.10
C ILE A 228 12.05 -0.27 5.15
N ASN A 229 12.60 -1.28 5.80
CA ASN A 229 11.89 -2.02 6.89
C ASN A 229 12.71 -1.89 8.17
N PRO A 230 12.25 -1.00 9.06
CA PRO A 230 12.91 -0.77 10.33
C PRO A 230 12.76 -1.91 11.32
N SER A 231 11.99 -2.96 11.00
CA SER A 231 11.67 -4.00 12.00
C SER A 231 12.86 -4.86 12.32
N ILE A 232 13.18 -4.98 13.61
CA ILE A 232 14.25 -5.86 14.04
C ILE A 232 13.57 -7.18 14.39
N ASP A 233 12.48 -7.10 15.13
CA ASP A 233 11.59 -8.26 15.35
C ASP A 233 10.16 -7.81 15.62
N LEU A 234 9.31 -8.73 16.12
CA LEU A 234 7.88 -8.42 16.35
C LEU A 234 7.69 -7.25 17.30
N HIS A 235 8.63 -7.07 18.22
CA HIS A 235 8.44 -6.13 19.31
C HIS A 235 9.31 -4.88 19.16
N THR A 236 10.20 -4.85 18.18
CA THR A 236 11.30 -3.92 18.20
C THR A 236 11.57 -3.36 16.82
N ASP A 237 11.60 -2.03 16.72
CA ASP A 237 12.03 -1.37 15.53
C ASP A 237 13.38 -0.71 15.78
N SER A 238 14.18 -0.61 14.74
CA SER A 238 15.41 0.20 14.73
C SER A 238 15.07 1.67 14.70
N LEU A 239 15.38 2.39 15.77
CA LEU A 239 15.19 3.83 15.79
C LEU A 239 15.99 4.53 14.70
N GLU A 240 17.16 3.96 14.38
CA GLU A 240 18.07 4.55 13.39
C GLU A 240 17.39 4.48 12.03
N LEU A 241 16.83 3.32 11.72
CA LEU A 241 16.16 3.15 10.39
C LEU A 241 14.86 3.95 10.33
N LEU A 242 14.11 4.08 11.43
CA LEU A 242 12.93 4.94 11.44
C LEU A 242 13.34 6.37 11.16
N GLN A 243 14.37 6.85 11.83
CA GLN A 243 14.84 8.20 11.60
C GLN A 243 15.33 8.40 10.16
N LEU A 244 16.06 7.43 9.61
CA LEU A 244 16.54 7.52 8.24
C LEU A 244 15.40 7.62 7.25
N GLN A 245 14.45 6.70 7.40
CA GLN A 245 13.30 6.67 6.50
C GLN A 245 12.53 8.00 6.57
N GLN A 246 12.37 8.51 7.79
CA GLN A 246 11.59 9.72 8.01
C GLN A 246 12.33 10.90 7.35
N LYS A 247 13.63 11.04 7.59
CA LYS A 247 14.39 12.09 6.93
C LYS A 247 14.40 12.00 5.42
N LEU A 248 14.52 10.80 4.87
CA LEU A 248 14.50 10.63 3.42
C LEU A 248 13.15 10.97 2.82
N LEU A 249 12.09 10.61 3.49
CA LEU A 249 10.75 10.99 3.07
C LEU A 249 10.56 12.51 3.12
N TRP A 250 11.09 13.19 4.15
CA TRP A 250 10.98 14.65 4.13
C TRP A 250 11.79 15.29 3.02
N LEU A 251 12.96 14.71 2.72
CA LEU A 251 13.76 15.17 1.57
C LEU A 251 13.00 15.09 0.27
N LEU A 252 12.40 13.93 0.04
CA LEU A 252 11.56 13.69 -1.13
C LEU A 252 10.36 14.62 -1.15
N TYR A 253 9.74 14.82 0.00
CA TYR A 253 8.57 15.70 0.10
C TYR A 253 8.92 17.13 -0.32
N ASP A 254 10.04 17.64 0.24
CA ASP A 254 10.48 19.02 -0.02
C ASP A 254 10.82 19.26 -1.47
N LEU A 255 11.28 18.24 -2.17
CA LEU A 255 11.67 18.33 -3.59
C LEU A 255 10.53 18.13 -4.53
N GLY A 256 9.37 17.78 -3.96
CA GLY A 256 8.17 17.55 -4.75
C GLY A 256 7.87 16.15 -5.20
N HIS A 257 8.67 15.19 -4.77
CA HIS A 257 8.60 13.85 -5.34
C HIS A 257 7.61 12.92 -4.66
N LEU A 258 6.93 13.39 -3.62
CA LEU A 258 5.78 12.64 -3.05
C LEU A 258 4.41 13.14 -3.56
N GLU A 259 4.40 14.17 -4.42
CA GLU A 259 3.15 14.75 -4.92
C GLU A 259 2.20 13.72 -5.49
N ARG A 260 2.75 12.74 -6.20
CA ARG A 260 1.96 11.75 -6.91
C ARG A 260 2.10 10.36 -6.22
N TYR A 261 2.37 10.39 -4.93
CA TYR A 261 2.64 9.10 -4.21
C TYR A 261 1.81 9.10 -2.90
N PRO A 262 0.51 8.81 -3.03
CA PRO A 262 -0.34 8.82 -1.82
C PRO A 262 0.17 8.00 -0.63
N MET A 263 0.58 6.76 -0.89
CA MET A 263 0.98 5.87 0.20
C MET A 263 2.24 6.33 0.90
N ALA A 264 3.14 7.00 0.19
CA ALA A 264 4.31 7.53 0.83
C ALA A 264 3.99 8.63 1.83
N LEU A 265 3.00 9.45 1.47
CA LEU A 265 2.49 10.44 2.40
C LEU A 265 1.89 9.83 3.65
N GLY A 266 1.14 8.75 3.50
CA GLY A 266 0.64 8.02 4.65
C GLY A 266 1.76 7.41 5.48
N ASN A 267 2.79 6.84 4.85
CA ASN A 267 3.97 6.34 5.60
C ASN A 267 4.62 7.44 6.41
N LEU A 268 4.78 8.60 5.79
CA LEU A 268 5.41 9.71 6.47
C LEU A 268 4.55 10.17 7.63
N ALA A 269 3.24 10.24 7.43
CA ALA A 269 2.30 10.62 8.51
C ALA A 269 2.45 9.66 9.69
N ASP A 270 2.50 8.37 9.40
CA ASP A 270 2.66 7.39 10.46
C ASP A 270 3.98 7.61 11.24
N LEU A 271 5.05 7.94 10.53
CA LEU A 271 6.33 8.23 11.16
C LEU A 271 6.28 9.47 12.07
N GLU A 272 5.60 10.50 11.61
CA GLU A 272 5.41 11.69 12.36
C GLU A 272 4.55 11.43 13.58
N GLU A 273 3.56 10.57 13.46
CA GLU A 273 2.78 10.21 14.65
C GLU A 273 3.66 9.60 15.73
N LEU A 274 4.55 8.73 15.29
CA LEU A 274 5.44 8.05 16.19
C LEU A 274 6.44 9.02 16.84
N GLU A 275 6.99 9.93 16.05
CA GLU A 275 8.01 10.84 16.53
C GLU A 275 7.99 12.13 15.74
N PRO A 276 7.21 13.09 16.21
CA PRO A 276 7.03 14.31 15.39
C PRO A 276 8.28 15.11 15.18
N THR A 277 8.45 15.66 13.97
CA THR A 277 9.59 16.51 13.61
C THR A 277 9.14 17.94 13.87
N PRO A 278 9.85 18.70 14.73
CA PRO A 278 9.43 20.08 14.92
C PRO A 278 9.38 20.91 13.66
N GLY A 279 8.32 21.68 13.54
CA GLY A 279 8.18 22.56 12.43
C GLY A 279 7.53 21.95 11.21
N ARG A 280 7.18 20.67 11.29
CA ARG A 280 6.52 20.00 10.17
C ARG A 280 5.02 19.85 10.35
N PRO A 281 4.28 19.67 9.23
CA PRO A 281 2.85 19.40 9.24
C PRO A 281 2.50 18.25 10.15
N ASP A 282 1.35 18.34 10.82
CA ASP A 282 0.82 17.27 11.63
C ASP A 282 0.51 16.00 10.81
N PRO A 283 0.49 14.86 11.47
CA PRO A 283 0.07 13.64 10.77
C PRO A 283 -1.25 13.79 10.02
N LEU A 284 -2.27 14.38 10.66
CA LEU A 284 -3.54 14.55 9.96
C LEU A 284 -3.43 15.31 8.64
N THR A 285 -2.67 16.41 8.63
CA THR A 285 -2.43 17.16 7.44
C THR A 285 -1.84 16.26 6.34
N LEU A 286 -0.88 15.45 6.73
CA LEU A 286 -0.24 14.54 5.80
C LEU A 286 -1.17 13.46 5.28
N TYR A 287 -1.97 12.88 6.15
CA TYR A 287 -2.95 11.88 5.65
C TYR A 287 -3.87 12.51 4.63
N HIS A 288 -4.34 13.74 4.95
CA HIS A 288 -5.20 14.44 4.01
C HIS A 288 -4.52 14.83 2.68
N LYS A 289 -3.22 15.12 2.74
CA LYS A 289 -2.47 15.33 1.52
C LYS A 289 -2.36 14.04 0.68
N GLY A 290 -2.25 12.90 1.36
CA GLY A 290 -2.29 11.59 0.69
C GLY A 290 -3.58 11.37 -0.08
N ILE A 291 -4.69 11.63 0.57
CA ILE A 291 -6.00 11.55 -0.06
C ILE A 291 -6.13 12.57 -1.22
N ALA A 292 -5.63 13.81 -1.01
CA ALA A 292 -5.69 14.79 -2.08
C ALA A 292 -4.90 14.37 -3.32
N SER A 293 -3.78 13.73 -3.06
CA SER A 293 -2.94 13.19 -4.14
C SER A 293 -3.71 12.16 -4.95
N ALA A 294 -4.37 11.25 -4.24
CA ALA A 294 -5.15 10.23 -4.88
C ALA A 294 -6.32 10.80 -5.71
N LYS A 295 -6.98 11.81 -5.13
CA LYS A 295 -8.05 12.48 -5.86
C LYS A 295 -7.57 13.23 -7.09
N THR A 296 -6.42 13.84 -6.98
CA THR A 296 -5.90 14.70 -8.05
C THR A 296 -5.34 13.91 -9.19
N TYR A 297 -4.52 12.89 -8.86
CA TYR A 297 -3.79 12.16 -9.86
C TYR A 297 -4.33 10.77 -10.27
N TYR A 298 -5.13 10.17 -9.41
CA TYR A 298 -5.56 8.83 -9.60
C TYR A 298 -7.07 8.63 -9.52
N ARG A 299 -7.81 9.70 -9.82
CA ARG A 299 -9.27 9.64 -9.95
C ARG A 299 -9.97 9.17 -8.66
N ASP A 300 -9.30 9.34 -7.53
CA ASP A 300 -9.85 8.87 -6.25
C ASP A 300 -10.19 7.37 -6.27
N GLU A 301 -9.31 6.58 -6.87
N GLU A 301 -9.25 6.59 -6.81
CA GLU A 301 -9.50 5.16 -7.04
CA GLU A 301 -9.49 5.17 -7.05
C GLU A 301 -8.64 4.33 -6.13
C GLU A 301 -8.68 4.30 -6.09
N HIS A 302 -7.98 4.94 -5.16
CA HIS A 302 -7.10 4.24 -4.21
C HIS A 302 -7.72 4.05 -2.86
N ILE A 303 -7.51 2.88 -2.23
CA ILE A 303 -8.10 2.59 -0.91
C ILE A 303 -7.22 2.99 0.26
N TYR A 304 -5.91 2.80 0.15
CA TYR A 304 -5.07 2.96 1.31
C TYR A 304 -4.98 4.37 1.84
N PRO A 305 -5.10 5.40 1.01
CA PRO A 305 -5.06 6.77 1.62
C PRO A 305 -6.12 6.92 2.72
N TYR A 306 -7.32 6.36 2.48
CA TYR A 306 -8.38 6.40 3.49
C TYR A 306 -8.17 5.43 4.65
N MET A 307 -7.65 4.24 4.36
CA MET A 307 -7.27 3.31 5.41
C MET A 307 -6.22 3.93 6.36
N TYR A 308 -5.19 4.57 5.81
CA TYR A 308 -4.17 5.24 6.66
C TYR A 308 -4.82 6.24 7.59
N LEU A 309 -5.73 7.04 7.04
CA LEU A 309 -6.46 8.03 7.85
C LEU A 309 -7.30 7.36 8.93
N ALA A 310 -8.07 6.38 8.52
CA ALA A 310 -8.90 5.68 9.48
C ALA A 310 -8.09 5.06 10.61
N GLY A 311 -6.94 4.44 10.29
CA GLY A 311 -6.10 3.84 11.30
C GLY A 311 -5.60 4.83 12.32
N TYR A 312 -5.21 6.01 11.88
CA TYR A 312 -4.83 7.10 12.78
C TYR A 312 -5.97 7.47 13.72
N HIS A 313 -7.16 7.67 13.19
CA HIS A 313 -8.32 8.01 14.05
C HIS A 313 -8.64 6.86 14.98
N CYS A 314 -8.50 5.63 14.53
CA CYS A 314 -8.79 4.45 15.34
C CYS A 314 -7.81 4.38 16.53
N ARG A 315 -6.51 4.62 16.28
CA ARG A 315 -5.51 4.64 17.37
C ARG A 315 -5.77 5.73 18.38
N ASN A 316 -6.31 6.83 17.93
CA ASN A 316 -6.55 7.99 18.79
C ASN A 316 -7.97 7.90 19.36
N ARG A 317 -8.63 6.76 19.10
CA ARG A 317 -10.01 6.48 19.55
C ARG A 317 -10.96 7.59 19.18
N ASN A 318 -10.71 8.22 18.01
CA ASN A 318 -11.57 9.22 17.35
CA ASN A 318 -11.66 9.14 17.44
C ASN A 318 -12.66 8.40 16.55
N VAL A 319 -13.68 7.86 17.20
CA VAL A 319 -14.62 6.92 16.53
C VAL A 319 -15.33 7.53 15.35
N ARG A 320 -15.80 8.72 15.55
N ARG A 320 -15.87 8.75 15.48
CA ARG A 320 -16.49 9.42 14.55
CA ARG A 320 -16.59 9.39 14.37
C ARG A 320 -15.72 9.55 13.23
C ARG A 320 -15.71 9.53 13.13
N GLU A 321 -14.49 10.02 13.33
CA GLU A 321 -13.68 10.28 12.16
CA GLU A 321 -13.61 10.28 12.21
C GLU A 321 -13.09 8.98 11.58
N ALA A 322 -12.90 7.96 12.43
CA ALA A 322 -12.47 6.62 11.92
C ALA A 322 -13.61 6.06 11.06
N LEU A 323 -14.86 6.10 11.59
CA LEU A 323 -15.99 5.62 10.81
C LEU A 323 -16.15 6.36 9.49
N GLN A 324 -16.00 7.70 9.52
CA GLN A 324 -16.11 8.43 8.30
C GLN A 324 -15.05 7.97 7.27
N ALA A 325 -13.83 7.77 7.74
CA ALA A 325 -12.74 7.35 6.81
C ALA A 325 -12.98 5.94 6.26
N TRP A 326 -13.50 5.04 7.09
CA TRP A 326 -13.83 3.70 6.58
C TRP A 326 -15.01 3.75 5.65
N ALA A 327 -16.01 4.58 5.90
CA ALA A 327 -17.08 4.78 4.90
C ALA A 327 -16.49 5.24 3.58
N ASP A 328 -15.48 6.12 3.65
CA ASP A 328 -14.82 6.58 2.42
C ASP A 328 -14.06 5.51 1.73
N THR A 329 -13.46 4.60 2.49
CA THR A 329 -12.74 3.46 1.83
C THR A 329 -13.77 2.65 1.02
N ALA A 330 -14.94 2.41 1.64
CA ALA A 330 -16.01 1.61 0.95
C ALA A 330 -16.60 2.31 -0.26
N THR A 331 -16.63 3.64 -0.23
CA THR A 331 -17.11 4.44 -1.36
C THR A 331 -16.15 4.33 -2.57
N VAL A 332 -14.87 4.12 -2.30
CA VAL A 332 -13.92 3.79 -3.35
C VAL A 332 -14.12 2.38 -3.89
N ILE A 333 -14.17 1.39 -2.99
CA ILE A 333 -14.21 0.01 -3.43
C ILE A 333 -15.47 -0.31 -4.21
N GLN A 334 -16.56 0.41 -3.98
CA GLN A 334 -17.85 0.04 -4.55
C GLN A 334 -17.86 0.00 -6.08
N ASP A 335 -16.95 0.80 -6.69
CA ASP A 335 -16.86 0.85 -8.15
C ASP A 335 -15.80 -0.03 -8.74
N TYR A 336 -15.40 -1.07 -8.01
CA TYR A 336 -14.55 -2.15 -8.52
C TYR A 336 -15.33 -3.45 -8.60
N ASN A 337 -14.81 -4.41 -9.37
CA ASN A 337 -15.28 -5.79 -9.34
C ASN A 337 -14.32 -6.58 -8.51
N TYR A 338 -14.81 -7.45 -7.62
CA TYR A 338 -13.95 -8.25 -6.78
C TYR A 338 -13.48 -9.43 -7.57
N CYS A 339 -12.21 -9.48 -7.88
CA CYS A 339 -11.60 -10.46 -8.78
C CYS A 339 -10.62 -11.35 -8.07
N ARG A 340 -10.31 -12.49 -8.68
CA ARG A 340 -9.30 -13.36 -8.19
C ARG A 340 -8.09 -12.41 -8.20
N GLU A 341 -7.27 -12.58 -7.21
CA GLU A 341 -6.04 -11.84 -6.97
C GLU A 341 -6.24 -10.52 -6.24
N ASP A 342 -7.50 -10.19 -5.90
CA ASP A 342 -7.81 -9.08 -5.01
C ASP A 342 -7.87 -9.44 -3.51
N GLU A 343 -7.41 -10.61 -3.12
CA GLU A 343 -7.68 -11.09 -1.73
C GLU A 343 -7.08 -10.21 -0.68
N GLU A 344 -6.03 -9.45 -0.94
CA GLU A 344 -5.47 -8.62 0.13
C GLU A 344 -6.44 -7.52 0.55
N ILE A 345 -7.15 -6.97 -0.41
CA ILE A 345 -8.12 -5.89 -0.02
C ILE A 345 -9.38 -6.46 0.61
N TYR A 346 -9.81 -7.64 0.20
CA TYR A 346 -10.86 -8.38 0.96
C TYR A 346 -10.42 -8.58 2.39
N LYS A 347 -9.18 -8.99 2.63
CA LYS A 347 -8.69 -9.20 3.99
C LYS A 347 -8.75 -7.90 4.79
N GLU A 348 -8.37 -6.78 4.18
CA GLU A 348 -8.44 -5.52 4.90
C GLU A 348 -9.86 -5.17 5.31
N PHE A 349 -10.78 -5.26 4.36
CA PHE A 349 -12.18 -4.93 4.66
C PHE A 349 -12.74 -5.91 5.71
N PHE A 350 -12.39 -7.19 5.60
CA PHE A 350 -12.87 -8.18 6.55
C PHE A 350 -12.39 -7.86 7.96
N GLU A 351 -11.11 -7.56 8.10
N GLU A 351 -11.12 -7.56 8.09
CA GLU A 351 -10.55 -7.23 9.41
CA GLU A 351 -10.56 -7.24 9.40
C GLU A 351 -11.18 -5.95 9.98
C GLU A 351 -11.19 -5.95 9.98
N VAL A 352 -11.44 -4.94 9.14
CA VAL A 352 -12.07 -3.73 9.65
C VAL A 352 -13.49 -3.96 10.12
N ALA A 353 -14.26 -4.66 9.30
CA ALA A 353 -15.65 -4.92 9.62
C ALA A 353 -15.82 -5.85 10.80
N ASN A 354 -14.96 -6.88 10.86
CA ASN A 354 -15.20 -8.00 11.75
C ASN A 354 -14.31 -8.07 12.95
N ASP A 355 -13.35 -7.15 13.06
CA ASP A 355 -12.47 -7.08 14.20
C ASP A 355 -12.28 -5.65 14.71
N VAL A 356 -11.82 -4.77 13.85
CA VAL A 356 -11.45 -3.40 14.30
C VAL A 356 -12.68 -2.60 14.72
N ILE A 357 -13.71 -2.58 13.90
CA ILE A 357 -14.89 -1.78 14.23
C ILE A 357 -15.53 -2.39 15.48
N PRO A 358 -15.70 -3.74 15.54
CA PRO A 358 -16.34 -4.28 16.78
C PRO A 358 -15.57 -3.91 18.04
N ASN A 359 -14.25 -3.94 17.98
CA ASN A 359 -13.45 -3.60 19.21
C ASN A 359 -13.59 -2.14 19.56
N LEU A 360 -13.64 -1.31 18.56
CA LEU A 360 -13.80 0.11 18.81
C LEU A 360 -15.16 0.44 19.40
N LEU A 361 -16.21 -0.18 18.86
CA LEU A 361 -17.52 0.09 19.34
C LEU A 361 -17.78 -0.50 20.73
N LYS A 362 -17.13 -1.63 21.04
CA LYS A 362 -17.24 -2.24 22.36
C LYS A 362 -16.70 -1.31 23.43
N GLU A 363 -15.54 -0.72 23.18
CA GLU A 363 -14.97 0.30 24.10
C GLU A 363 -15.91 1.48 24.18
N ALA A 364 -16.40 1.95 23.04
CA ALA A 364 -17.27 3.10 23.05
C ALA A 364 -18.49 2.82 23.91
N ALA A 365 -19.03 1.59 23.83
CA ALA A 365 -20.19 1.20 24.62
C ALA A 365 -19.89 1.25 26.14
N SER A 366 -18.75 0.75 26.54
CA SER A 366 -18.35 0.85 27.93
C SER A 366 -18.21 2.27 28.40
N LEU A 367 -17.65 3.13 27.55
CA LEU A 367 -17.43 4.53 27.90
C LEU A 367 -18.76 5.26 27.99
N LEU A 368 -19.71 4.92 27.09
CA LEU A 368 -21.07 5.46 27.21
C LEU A 368 -21.77 5.09 28.48
N GLU A 369 -21.62 3.84 28.88
CA GLU A 369 -22.17 3.37 30.14
C GLU A 369 -21.62 4.16 31.31
N ALA A 370 -20.38 4.58 31.19
CA ALA A 370 -19.74 5.36 32.21
C ALA A 370 -19.97 6.87 32.07
N GLY A 371 -20.81 7.26 31.16
CA GLY A 371 -21.26 8.63 31.05
C GLY A 371 -20.58 9.51 30.06
N SER A 372 -19.88 8.98 29.08
CA SER A 372 -19.32 9.83 28.10
C SER A 372 -20.39 10.69 27.39
N GLN A 373 -20.01 11.91 27.07
CA GLN A 373 -20.81 12.81 26.28
C GLN A 373 -20.19 12.97 24.91
N GLY A 374 -21.08 13.29 23.95
CA GLY A 374 -20.70 13.44 22.58
C GLY A 374 -20.25 12.14 21.95
N SER A 375 -20.66 11.02 22.54
CA SER A 375 -20.29 9.68 22.03
C SER A 375 -20.70 9.47 20.56
N ALA A 376 -19.83 8.84 19.78
CA ALA A 376 -20.22 8.41 18.43
C ALA A 376 -21.46 7.55 18.49
N LEU A 377 -21.66 6.78 19.56
CA LEU A 377 -22.82 5.88 19.62
C LEU A 377 -24.13 6.64 19.78
N GLN A 378 -24.04 7.92 20.16
CA GLN A 378 -25.27 8.74 20.21
C GLN A 378 -25.37 9.72 19.08
N ASP A 379 -24.50 9.57 18.06
CA ASP A 379 -24.45 10.47 16.94
C ASP A 379 -25.00 9.79 15.72
N PRO A 380 -26.18 10.19 15.23
CA PRO A 380 -26.68 9.54 14.03
C PRO A 380 -25.80 9.65 12.81
N GLU A 381 -24.95 10.67 12.72
CA GLU A 381 -24.06 10.75 11.56
C GLU A 381 -23.04 9.62 11.61
N CYS A 382 -22.66 9.17 12.79
CA CYS A 382 -21.77 8.01 12.95
C CYS A 382 -22.45 6.71 12.54
N PHE A 383 -23.72 6.56 12.90
CA PHE A 383 -24.48 5.41 12.44
C PHE A 383 -24.57 5.45 10.90
N ALA A 384 -24.82 6.61 10.31
CA ALA A 384 -24.82 6.72 8.82
C ALA A 384 -23.47 6.30 8.23
N HIS A 385 -22.34 6.69 8.86
CA HIS A 385 -21.04 6.24 8.33
C HIS A 385 -20.94 4.73 8.35
N LEU A 386 -21.36 4.08 9.43
CA LEU A 386 -21.33 2.62 9.50
C LEU A 386 -22.17 2.03 8.39
N LEU A 387 -23.34 2.63 8.15
CA LEU A 387 -24.21 2.10 7.09
C LEU A 387 -23.55 2.31 5.72
N ARG A 388 -22.87 3.42 5.50
CA ARG A 388 -22.30 3.70 4.19
C ARG A 388 -21.10 2.77 3.95
N PHE A 389 -20.39 2.38 5.01
CA PHE A 389 -19.32 1.40 4.92
C PHE A 389 -19.89 0.09 4.40
N TYR A 390 -20.96 -0.43 5.01
CA TYR A 390 -21.56 -1.67 4.53
C TYR A 390 -22.14 -1.51 3.15
N ASP A 391 -22.75 -0.39 2.84
CA ASP A 391 -23.27 -0.14 1.49
C ASP A 391 -22.23 -0.29 0.43
N GLY A 392 -21.06 0.27 0.66
CA GLY A 392 -20.03 0.22 -0.36
C GLY A 392 -19.52 -1.21 -0.56
N ILE A 393 -19.42 -1.99 0.51
CA ILE A 393 -18.99 -3.37 0.43
C ILE A 393 -20.04 -4.15 -0.36
N CYS A 394 -21.30 -3.92 -0.06
CA CYS A 394 -22.38 -4.59 -0.82
C CYS A 394 -22.36 -4.21 -2.30
N LYS A 395 -22.11 -2.93 -2.60
CA LYS A 395 -22.08 -2.50 -3.99
C LYS A 395 -20.86 -3.09 -4.72
N TRP A 396 -19.70 -3.13 -4.07
CA TRP A 396 -18.54 -3.81 -4.56
C TRP A 396 -18.87 -5.20 -5.10
N GLU A 397 -19.61 -5.96 -4.31
CA GLU A 397 -19.96 -7.37 -4.60
C GLU A 397 -20.85 -7.45 -5.87
N GLU A 398 -21.67 -6.44 -6.14
CA GLU A 398 -22.55 -6.46 -7.31
C GLU A 398 -21.80 -6.55 -8.61
N GLY A 399 -22.19 -7.53 -9.39
CA GLY A 399 -21.53 -7.77 -10.67
C GLY A 399 -20.13 -8.36 -10.60
N SER A 400 -19.64 -8.73 -9.42
CA SER A 400 -18.30 -9.25 -9.32
C SER A 400 -18.31 -10.72 -9.68
N PRO A 401 -17.16 -11.22 -10.13
CA PRO A 401 -17.17 -12.63 -10.51
C PRO A 401 -17.13 -13.56 -9.32
N THR A 402 -16.69 -13.02 -8.17
CA THR A 402 -16.57 -13.72 -6.90
C THR A 402 -17.40 -12.94 -5.88
N PRO A 403 -18.21 -13.61 -5.04
CA PRO A 403 -18.91 -12.89 -3.97
C PRO A 403 -18.00 -12.42 -2.82
N VAL A 404 -18.53 -11.51 -1.99
CA VAL A 404 -17.78 -10.93 -0.88
C VAL A 404 -18.37 -11.34 0.46
N LEU A 405 -19.66 -11.12 0.62
CA LEU A 405 -20.31 -11.29 1.90
C LEU A 405 -20.71 -12.74 2.12
N HIS A 406 -20.74 -13.08 3.38
CA HIS A 406 -21.20 -14.42 3.80
C HIS A 406 -21.65 -14.31 5.23
N VAL A 407 -22.24 -15.40 5.78
CA VAL A 407 -22.85 -15.29 7.07
C VAL A 407 -21.85 -14.95 8.20
N GLY A 408 -20.58 -15.24 7.97
CA GLY A 408 -19.53 -14.85 8.91
C GLY A 408 -19.40 -13.37 9.13
N TRP A 409 -19.91 -12.55 8.19
CA TRP A 409 -19.98 -11.09 8.30
C TRP A 409 -21.26 -10.60 8.99
N ALA A 410 -22.28 -11.40 8.90
CA ALA A 410 -23.60 -10.98 9.36
C ALA A 410 -23.71 -10.84 10.84
N THR A 411 -23.10 -11.73 11.59
CA THR A 411 -23.12 -11.66 13.04
C THR A 411 -22.48 -10.36 13.55
N PHE A 412 -21.37 -9.96 12.95
CA PHE A 412 -20.75 -8.72 13.33
C PHE A 412 -21.55 -7.49 12.92
N LEU A 413 -22.21 -7.51 11.77
CA LEU A 413 -23.10 -6.44 11.40
C LEU A 413 -24.20 -6.25 12.41
N VAL A 414 -24.87 -7.35 12.78
CA VAL A 414 -25.94 -7.24 13.77
C VAL A 414 -25.40 -6.62 15.08
N GLN A 415 -24.26 -7.11 15.53
CA GLN A 415 -23.66 -6.65 16.78
C GLN A 415 -23.33 -5.16 16.68
N SER A 416 -22.71 -4.73 15.57
CA SER A 416 -22.35 -3.33 15.40
C SER A 416 -23.58 -2.43 15.30
N LEU A 417 -24.61 -2.83 14.56
CA LEU A 417 -25.86 -2.03 14.48
C LEU A 417 -26.43 -1.85 15.86
N GLY A 418 -26.36 -2.89 16.67
CA GLY A 418 -26.98 -2.92 18.01
C GLY A 418 -26.28 -2.04 19.01
N ARG A 419 -25.05 -1.67 18.71
CA ARG A 419 -24.34 -0.73 19.57
C ARG A 419 -24.92 0.65 19.59
N PHE A 420 -25.75 0.95 18.59
CA PHE A 420 -26.47 2.22 18.52
C PHE A 420 -27.89 1.96 18.98
N GLU A 421 -28.35 2.73 19.94
CA GLU A 421 -29.71 2.61 20.38
C GLU A 421 -30.72 2.92 19.26
N GLY A 422 -31.90 2.35 19.33
CA GLY A 422 -32.92 2.59 18.33
C GLY A 422 -33.23 4.04 18.10
N GLN A 423 -33.26 4.85 19.16
CA GLN A 423 -33.56 6.27 19.02
C GLN A 423 -32.49 7.05 18.27
N VAL A 424 -31.26 6.56 18.28
CA VAL A 424 -30.21 7.16 17.47
C VAL A 424 -30.37 6.70 16.03
N ARG A 425 -30.61 5.41 15.84
CA ARG A 425 -30.75 4.83 14.49
C ARG A 425 -31.91 5.43 13.72
N GLN A 426 -32.98 5.74 14.47
CA GLN A 426 -34.19 6.35 13.90
C GLN A 426 -33.93 7.70 13.24
N LYS A 427 -32.89 8.41 13.68
CA LYS A 427 -32.64 9.75 13.23
C LYS A 427 -31.99 9.81 11.87
N VAL A 428 -31.50 8.69 11.37
CA VAL A 428 -30.97 8.75 9.99
C VAL A 428 -32.10 8.61 8.97
N ARG A 429 -32.14 9.54 7.99
CA ARG A 429 -33.15 9.48 6.92
C ARG A 429 -32.46 8.83 5.71
N ILE A 430 -32.99 7.70 5.32
CA ILE A 430 -32.48 6.97 4.19
C ILE A 430 -33.36 7.36 3.00
N VAL A 431 -32.75 8.13 2.10
CA VAL A 431 -33.46 8.65 0.91
C VAL A 431 -33.09 7.88 -0.34
N SER A 432 -34.08 7.73 -1.21
CA SER A 432 -33.96 7.09 -2.49
C SER A 432 -33.62 8.09 -3.57
C GLY A 444 -30.18 14.79 9.40
N PRO A 445 -29.44 13.71 9.73
CA PRO A 445 -28.62 13.02 8.73
C PRO A 445 -29.45 12.36 7.66
N VAL A 446 -28.89 12.40 6.46
CA VAL A 446 -29.52 11.80 5.32
C VAL A 446 -28.44 10.92 4.66
N LEU A 447 -28.89 9.81 4.12
CA LEU A 447 -27.99 8.86 3.49
C LEU A 447 -28.72 8.28 2.32
N THR A 448 -28.00 8.04 1.21
CA THR A 448 -28.57 7.32 0.07
C THR A 448 -27.74 6.05 -0.10
N PHE A 449 -28.40 4.92 -0.30
CA PHE A 449 -27.73 3.67 -0.55
C PHE A 449 -27.55 3.40 -2.03
N GLN A 450 -26.39 2.91 -2.40
CA GLN A 450 -26.11 2.48 -3.76
C GLN A 450 -26.38 1.01 -3.99
N SER A 451 -26.29 0.20 -2.95
CA SER A 451 -26.44 -1.26 -3.09
C SER A 451 -27.88 -1.70 -2.91
N GLU A 452 -28.26 -2.70 -3.69
CA GLU A 452 -29.57 -3.33 -3.47
C GLU A 452 -29.68 -4.05 -2.11
N LYS A 453 -28.59 -4.64 -1.62
CA LYS A 453 -28.66 -5.26 -0.31
C LYS A 453 -29.04 -4.25 0.77
N MET A 454 -28.39 -3.09 0.81
CA MET A 454 -28.75 -2.17 1.86
C MET A 454 -30.10 -1.52 1.68
N LYS A 455 -30.50 -1.27 0.43
CA LYS A 455 -31.84 -0.76 0.20
C LYS A 455 -32.89 -1.70 0.77
N GLY A 456 -32.70 -3.00 0.67
CA GLY A 456 -33.68 -3.92 1.22
C GLY A 456 -33.60 -4.04 2.73
N MET A 457 -32.47 -3.62 3.27
CA MET A 457 -32.27 -3.76 4.71
CA MET A 457 -32.17 -3.69 4.70
C MET A 457 -32.82 -2.54 5.44
N LYS A 458 -33.20 -1.48 4.70
CA LYS A 458 -33.54 -0.18 5.31
C LYS A 458 -34.61 -0.31 6.42
N GLU A 459 -35.67 -1.04 6.06
CA GLU A 459 -36.75 -1.44 6.93
C GLU A 459 -36.28 -1.91 8.32
N LEU A 460 -35.22 -2.69 8.37
CA LEU A 460 -34.82 -3.39 9.55
C LEU A 460 -33.95 -2.50 10.44
N LEU A 461 -33.52 -1.36 9.91
CA LEU A 461 -32.45 -0.62 10.61
C LEU A 461 -32.88 0.27 11.75
N VAL A 462 -34.19 0.44 12.02
CA VAL A 462 -34.73 1.30 13.14
C VAL A 462 -35.50 0.64 14.30
N ALA A 463 -35.73 -0.66 14.22
CA ALA A 463 -36.36 -1.38 15.33
C ALA A 463 -35.50 -1.30 16.55
N THR A 464 -36.16 -1.17 17.72
CA THR A 464 -35.46 -1.11 19.01
C THR A 464 -34.60 -2.34 19.22
N LYS A 465 -35.16 -3.51 18.88
CA LYS A 465 -34.42 -4.77 18.85
C LYS A 465 -34.35 -5.16 17.39
N ILE A 466 -33.15 -5.19 16.90
CA ILE A 466 -32.86 -5.53 15.53
C ILE A 466 -33.25 -6.97 15.26
N ASN A 467 -33.89 -7.22 14.12
CA ASN A 467 -34.25 -8.60 13.74
C ASN A 467 -33.03 -9.28 13.12
N SER A 468 -32.24 -9.94 13.94
CA SER A 468 -31.03 -10.58 13.54
C SER A 468 -31.16 -11.55 12.37
N SER A 469 -32.14 -12.46 12.41
CA SER A 469 -32.30 -13.41 11.36
CA SER A 469 -32.30 -13.41 11.35
C SER A 469 -32.62 -12.75 10.01
N ALA A 470 -33.50 -11.74 10.02
CA ALA A 470 -33.86 -11.05 8.78
C ALA A 470 -32.62 -10.30 8.23
N ILE A 471 -31.86 -9.65 9.09
CA ILE A 471 -30.61 -9.05 8.65
C ILE A 471 -29.69 -9.99 7.99
N LYS A 472 -29.49 -11.13 8.62
CA LYS A 472 -28.68 -12.14 8.06
C LYS A 472 -29.16 -12.59 6.70
N LEU A 473 -30.46 -12.82 6.55
CA LEU A 473 -30.98 -13.19 5.24
C LEU A 473 -30.72 -12.10 4.19
N GLN A 474 -30.84 -10.84 4.57
CA GLN A 474 -30.70 -9.76 3.59
C GLN A 474 -29.24 -9.58 3.19
N LEU A 475 -28.33 -9.73 4.15
CA LEU A 475 -26.90 -9.50 3.82
C LEU A 475 -26.32 -10.64 3.00
N THR A 476 -26.83 -11.89 3.08
CA THR A 476 -26.17 -13.01 2.46
C THR A 476 -26.93 -13.50 1.27
N ALA A 477 -28.12 -12.92 1.16
CA ALA A 477 -29.16 -13.16 0.20
C ALA A 477 -29.56 -14.65 0.23
N GLN A 478 -29.51 -15.19 1.45
CA GLN A 478 -29.81 -16.61 1.77
C GLN A 478 -31.28 -16.79 1.46
N SER A 479 -31.57 -17.90 0.80
CA SER A 479 -32.90 -18.04 0.17
C SER A 479 -33.90 -18.60 1.21
N GLN A 480 -33.40 -19.49 2.08
CA GLN A 480 -34.28 -20.31 2.94
C GLN A 480 -33.79 -20.35 4.38
N VAL A 481 -34.72 -20.63 5.30
CA VAL A 481 -34.40 -20.89 6.73
C VAL A 481 -34.50 -22.41 6.98
N GLN A 482 -34.10 -22.88 8.16
CA GLN A 482 -33.95 -24.32 8.41
C GLN A 482 -35.32 -25.02 8.27
N MET A 483 -35.31 -26.22 7.71
CA MET A 483 -36.54 -26.97 7.45
C MET A 483 -37.26 -27.31 8.73
N LYS A 484 -36.57 -28.00 9.62
CA LYS A 484 -37.14 -28.42 10.90
C LYS A 484 -37.30 -27.30 11.94
N LYS A 485 -38.44 -27.33 12.63
C4 58R B . 3.68 0.78 -2.08
C5 58R B . 2.87 0.02 -1.26
C6 58R B . 2.69 0.45 0.05
N1 58R B . 3.25 1.61 0.51
N3 58R B . 4.23 1.94 -1.68
FAD 58R B . 3.65 -4.29 -5.02
CBK 58R B . 3.92 -3.26 -4.26
FAE 58R B . 4.96 -2.59 -4.74
FAF 58R B . 4.30 -3.71 -3.10
CAT 58R B . 2.68 -2.36 -4.21
CBA 58R B . 2.96 -1.21 -3.24
SAX 58R B . 3.86 0.16 -3.61
CAM 58R B . 2.50 -1.13 -1.93
C2 58R B . 4.01 2.33 -0.39
NAW 58R B . 1.88 -0.24 0.91
CBH 58R B . 1.52 0.19 2.27
CAO 58R B . 0.01 0.00 2.47
CAQ 58R B . -0.46 0.36 3.84
CAN 58R B . 2.21 -0.65 3.29
CAP 58R B . 1.71 -0.23 4.66
NBI 58R B . 0.24 -0.50 4.83
CAS 58R B . -0.17 -0.12 6.22
CAZ 58R B . -1.58 -0.39 6.51
CAK 58R B . -2.33 0.62 7.14
CAI 58R B . -2.20 -1.63 6.25
CAJ 58R B . -3.56 -1.82 6.59
CBG 58R B . -4.22 -0.83 7.25
CBD 58R B . -3.62 0.37 7.48
CAL 58R B . -4.55 1.16 8.13
CBB 58R B . -5.68 0.43 8.24
CAG 58R B . -6.99 0.80 8.84
NAA 58R B . -7.93 1.04 9.28
N 58R B . -5.53 -0.79 7.70
CA 58R B . -6.53 -1.92 7.59
C 58R B . -6.46 -2.79 8.81
O 58R B . -6.30 -2.30 9.94
NAB 58R B . -6.69 -4.09 8.57
S DMS C . 5.98 -1.50 -0.80
O DMS C . 5.10 -1.79 0.37
C1 DMS C . 6.86 -0.09 -0.37
C2 DMS C . 7.34 -2.53 -0.85
O1 PG4 D . -14.57 -15.72 1.38
C1 PG4 D . -13.31 -16.38 1.60
C2 PG4 D . -13.63 -17.66 2.36
O2 PG4 D . -13.85 -17.38 3.76
C3 PG4 D . -13.90 -18.61 4.46
C4 PG4 D . -14.07 -18.25 5.94
O3 PG4 D . -12.99 -17.43 6.34
C5 PG4 D . -13.36 -16.51 7.32
C6 PG4 D . -12.11 -15.73 7.64
O4 PG4 D . -11.74 -14.81 6.62
C7 PG4 D . -10.68 -14.00 7.14
C8 PG4 D . -10.06 -13.12 6.04
O5 PG4 D . -9.64 -13.91 4.91
S SO4 E . 35.77 11.20 6.19
O1 SO4 E . 36.73 10.07 6.26
O2 SO4 E . 36.25 12.35 7.00
O3 SO4 E . 35.58 11.68 4.80
O4 SO4 E . 34.45 10.77 6.73
S SO4 F . -4.15 0.36 20.36
O1 SO4 F . -3.46 -0.63 19.51
O2 SO4 F . -3.27 0.74 21.49
O3 SO4 F . -4.49 1.54 19.54
O4 SO4 F . -5.41 -0.23 20.88
S SO4 G . -16.02 9.51 19.70
O1 SO4 G . -14.67 8.98 19.90
O2 SO4 G . -16.93 8.43 20.36
O3 SO4 G . -16.15 9.84 18.24
O4 SO4 G . -16.51 10.76 20.38
S SO4 H . 25.22 19.58 4.68
O1 SO4 H . 24.26 18.73 5.41
O2 SO4 H . 26.58 19.43 5.28
O3 SO4 H . 25.26 19.18 3.25
O4 SO4 H . 24.80 21.00 4.82
S SO4 I . -20.23 -6.47 25.29
O1 SO4 I . -19.94 -7.11 26.59
O2 SO4 I . -19.18 -6.83 24.31
O3 SO4 I . -20.25 -5.00 25.48
O4 SO4 I . -21.55 -6.92 24.79
S DMS J . 30.21 -3.19 9.91
O DMS J . 29.65 -2.04 10.66
C1 DMS J . 29.59 -4.65 10.55
C2 DMS J . 29.59 -3.15 8.32
S DMS K . 0.00 3.37 -20.29
O DMS K . -0.75 4.19 -19.29
C1 DMS K . 1.26 2.64 -19.36
C2 DMS K . -0.87 1.93 -20.60
C1 PEG L . 11.42 -17.37 -7.74
O1 PEG L . 12.23 -18.48 -8.03
C2 PEG L . 10.19 -18.01 -7.11
O2 PEG L . 9.02 -17.19 -7.16
C3 PEG L . 7.95 -18.12 -7.36
C4 PEG L . 6.69 -17.40 -6.89
O4 PEG L . 6.56 -17.53 -5.47
#